data_3JX7
#
_entry.id   3JX7
#
_cell.length_a   37.759
_cell.length_b   92.966
_cell.length_c   47.767
_cell.angle_alpha   90.00
_cell.angle_beta   113.01
_cell.angle_gamma   90.00
#
_symmetry.space_group_name_H-M   'P 1 21 1'
#
loop_
_entity.id
_entity.type
_entity.pdbx_description
1 polymer 'alkylpurine DNA glycosylase AlkD'
2 polymer "DNA (5'-D(*CP*GP*GP*AP*CP*TP*(DZM)P*AP*CP*GP*GP*G)-3')"
3 polymer "DNA (5'-D(*CP*CP*CP*GP*TP*TP*AP*GP*TP*CP*CP*G)-3')"
4 water water
#
loop_
_entity_poly.entity_id
_entity_poly.type
_entity_poly.pdbx_seq_one_letter_code
_entity_poly.pdbx_strand_id
1 'polypeptide(L)'
;PMHPFVKALQEHFTAHQNPEKAEPMARYMKNHFLFLGIQTPERRQLLKDIIQIHTLPDQKDFQIIIRELWDLPEREFQAA
ALDIMQKYKKHINETHIPFLEELIVTKSWWDSVDSIVPTFLGDIFLKHPELISAYIPKWIASDNIWLQRAAILFQLKYKQ
KMDEELLFWIIGQLHSSKEFFIQKAIGWVLREYAKTNPDVVWEYVQNNELAPLSKREAIKHIKQNYGINNEK
;
A
2 'polydeoxyribonucleotide' (DC)(DG)(DG)(DA)(DC)(DT)(DZM)(DA)(DC)(DG)(DG)(DG) B
3 'polydeoxyribonucleotide' (DC)(DC)(DC)(DG)(DT)(DT)(DA)(DG)(DT)(DC)(DC)(DG) C
#
# COMPACT_ATOMS: atom_id res chain seq x y z
N PRO A 1 9.25 22.22 17.24
CA PRO A 1 7.89 22.30 17.79
C PRO A 1 6.89 21.62 16.88
N MET A 2 6.11 20.69 17.45
CA MET A 2 5.10 19.96 16.70
C MET A 2 4.08 20.93 16.09
N HIS A 3 3.66 20.66 14.85
CA HIS A 3 2.65 21.49 14.19
C HIS A 3 1.36 21.45 15.02
N PRO A 4 0.71 22.61 15.22
CA PRO A 4 -0.50 22.66 16.06
C PRO A 4 -1.62 21.71 15.60
N PHE A 5 -1.71 21.44 14.30
CA PHE A 5 -2.75 20.55 13.82
C PHE A 5 -2.46 19.12 14.29
N VAL A 6 -1.20 18.73 14.21
CA VAL A 6 -0.75 17.42 14.67
C VAL A 6 -0.91 17.28 16.19
N LYS A 7 -0.55 18.34 16.92
CA LYS A 7 -0.74 18.35 18.37
C LYS A 7 -2.22 18.16 18.75
N ALA A 8 -3.10 18.88 18.04
CA ALA A 8 -4.53 18.75 18.27
C ALA A 8 -5.04 17.34 17.98
N LEU A 9 -4.55 16.76 16.91
CA LEU A 9 -4.95 15.41 16.54
C LEU A 9 -4.45 14.43 17.60
N GLN A 10 -3.21 14.60 18.04
CA GLN A 10 -2.66 13.73 19.06
C GLN A 10 -3.48 13.78 20.37
N GLU A 11 -3.83 14.98 20.81
CA GLU A 11 -4.61 15.14 22.03
C GLU A 11 -5.99 14.48 21.91
N HIS A 12 -6.63 14.72 20.77
CA HIS A 12 -8.00 14.25 20.55
C HIS A 12 -8.04 12.74 20.41
N PHE A 13 -7.11 12.17 19.64
CA PHE A 13 -7.03 10.71 19.53
C PHE A 13 -6.77 10.10 20.91
N THR A 14 -5.82 10.66 21.64
CA THR A 14 -5.43 10.08 22.92
C THR A 14 -6.59 10.09 23.92
N ALA A 15 -7.41 11.13 23.87
CA ALA A 15 -8.58 11.24 24.74
C ALA A 15 -9.60 10.15 24.47
N HIS A 16 -9.55 9.54 23.30
CA HIS A 16 -10.52 8.50 22.95
C HIS A 16 -9.88 7.12 22.81
N GLN A 17 -8.73 6.94 23.44
CA GLN A 17 -8.01 5.67 23.31
C GLN A 17 -8.78 4.55 24.00
N ASN A 18 -8.52 3.33 23.55
CA ASN A 18 -9.23 2.16 24.06
C ASN A 18 -8.20 1.05 24.27
N PRO A 19 -7.65 0.95 25.49
CA PRO A 19 -6.55 0.00 25.73
C PRO A 19 -7.01 -1.45 25.51
N GLU A 20 -8.29 -1.70 25.74
CA GLU A 20 -8.86 -3.03 25.56
C GLU A 20 -8.78 -3.48 24.11
N LYS A 21 -9.15 -2.59 23.19
CA LYS A 21 -9.05 -2.89 21.77
C LYS A 21 -7.62 -2.79 21.26
N ALA A 22 -6.81 -1.96 21.90
CA ALA A 22 -5.42 -1.78 21.46
C ALA A 22 -4.64 -3.09 21.46
N GLU A 23 -4.90 -3.95 22.46
CA GLU A 23 -4.19 -5.23 22.56
C GLU A 23 -4.37 -6.11 21.32
N PRO A 24 -5.62 -6.49 20.99
CA PRO A 24 -5.82 -7.33 19.80
C PRO A 24 -5.38 -6.61 18.53
N MET A 25 -5.59 -5.29 18.46
CA MET A 25 -5.19 -4.56 17.26
C MET A 25 -3.68 -4.63 17.06
N ALA A 26 -2.92 -4.52 18.14
CA ALA A 26 -1.46 -4.61 18.03
C ALA A 26 -1.04 -6.04 17.65
N ARG A 27 -1.69 -7.03 18.25
CA ARG A 27 -1.39 -8.43 17.95
C ARG A 27 -1.61 -8.76 16.47
N TYR A 28 -2.63 -8.15 15.88
CA TYR A 28 -2.98 -8.38 14.49
C TYR A 28 -1.85 -7.94 13.55
N MET A 29 -1.15 -6.86 13.92
CA MET A 29 0.00 -6.39 13.17
C MET A 29 1.30 -6.97 13.73
N LYS A 30 1.19 -8.13 14.34
CA LYS A 30 2.34 -8.86 14.87
C LYS A 30 3.20 -8.04 15.81
N ASN A 31 2.54 -7.16 16.57
CA ASN A 31 3.20 -6.34 17.57
C ASN A 31 4.35 -5.47 17.05
N HIS A 32 4.28 -5.08 15.78
CA HIS A 32 5.28 -4.17 15.23
C HIS A 32 5.03 -2.74 15.71
N PHE A 33 3.81 -2.45 16.15
CA PHE A 33 3.42 -1.08 16.51
C PHE A 33 2.62 -1.04 17.81
N LEU A 34 2.76 0.09 18.51
CA LEU A 34 1.81 0.41 19.57
C LEU A 34 0.52 0.90 18.90
N PHE A 35 -0.62 0.68 19.56
CA PHE A 35 -1.90 1.20 19.09
C PHE A 35 -2.58 1.96 20.21
N LEU A 36 -3.36 2.98 19.87
CA LEU A 36 -4.27 3.60 20.84
C LEU A 36 -5.54 2.77 21.03
N GLY A 37 -5.92 2.01 20.01
CA GLY A 37 -7.14 1.20 20.07
C GLY A 37 -8.35 1.83 19.40
N ILE A 38 -8.12 2.66 18.39
CA ILE A 38 -9.18 3.37 17.69
C ILE A 38 -9.33 2.81 16.28
N GLN A 39 -10.52 2.27 15.99
CA GLN A 39 -10.76 1.69 14.68
C GLN A 39 -11.16 2.75 13.65
N THR A 40 -11.27 2.33 12.39
CA THR A 40 -11.28 3.28 11.29
C THR A 40 -12.46 4.27 11.28
N PRO A 41 -13.69 3.79 11.50
CA PRO A 41 -14.80 4.75 11.49
C PRO A 41 -14.64 5.88 12.51
N GLU A 42 -14.30 5.53 13.75
CA GLU A 42 -14.10 6.57 14.75
C GLU A 42 -12.85 7.40 14.45
N ARG A 43 -11.77 6.75 14.00
CA ARG A 43 -10.54 7.47 13.71
C ARG A 43 -10.77 8.57 12.66
N ARG A 44 -11.56 8.26 11.63
CA ARG A 44 -11.86 9.25 10.61
C ARG A 44 -12.74 10.38 11.14
N GLN A 45 -13.67 10.06 12.02
CA GLN A 45 -14.49 11.09 12.66
C GLN A 45 -13.64 12.00 13.53
N LEU A 46 -12.72 11.43 14.29
CA LEU A 46 -11.87 12.26 15.14
C LEU A 46 -11.01 13.21 14.31
N LEU A 47 -10.52 12.72 13.16
CA LEU A 47 -9.81 13.61 12.24
C LEU A 47 -10.74 14.70 11.71
N LYS A 48 -11.96 14.30 11.33
CA LYS A 48 -12.96 15.28 10.89
C LYS A 48 -13.18 16.37 11.92
N ASP A 49 -13.26 15.98 13.18
CA ASP A 49 -13.47 16.92 14.29
C ASP A 49 -12.41 18.00 14.28
N ILE A 50 -11.17 17.57 14.13
CA ILE A 50 -10.03 18.49 14.16
C ILE A 50 -9.99 19.38 12.93
N ILE A 51 -10.33 18.83 11.76
CA ILE A 51 -10.43 19.65 10.57
C ILE A 51 -11.51 20.71 10.71
N GLN A 52 -12.64 20.32 11.31
CA GLN A 52 -13.74 21.27 11.52
C GLN A 52 -13.35 22.44 12.42
N ILE A 53 -12.58 22.16 13.46
CA ILE A 53 -12.16 23.18 14.40
C ILE A 53 -11.02 24.06 13.88
N HIS A 54 -10.00 23.43 13.33
CA HIS A 54 -8.77 24.12 12.96
C HIS A 54 -8.67 24.51 11.49
N THR A 55 -9.47 23.85 10.66
CA THR A 55 -9.33 23.84 9.22
C THR A 55 -8.11 23.03 8.82
N LEU A 56 -8.14 22.50 7.61
CA LEU A 56 -7.01 21.79 7.05
C LEU A 56 -5.88 22.78 6.80
N PRO A 57 -4.67 22.47 7.29
CA PRO A 57 -3.51 23.35 7.12
C PRO A 57 -3.20 23.67 5.67
N ASP A 58 -2.58 24.83 5.45
CA ASP A 58 -2.11 25.23 4.14
C ASP A 58 -1.25 24.13 3.53
N GLN A 59 -1.32 23.97 2.21
CA GLN A 59 -0.55 22.95 1.51
C GLN A 59 0.95 23.02 1.80
N LYS A 60 1.45 24.21 2.15
CA LYS A 60 2.87 24.36 2.43
C LYS A 60 3.31 23.44 3.57
N ASP A 61 2.34 23.03 4.40
CA ASP A 61 2.60 22.21 5.60
C ASP A 61 2.29 20.73 5.37
N PHE A 62 1.83 20.36 4.17
CA PHE A 62 1.37 19.00 3.90
C PHE A 62 2.42 17.94 4.27
N GLN A 63 3.60 18.01 3.66
CA GLN A 63 4.62 16.98 3.90
C GLN A 63 5.09 16.97 5.36
N ILE A 64 5.14 18.16 5.96
CA ILE A 64 5.56 18.33 7.35
C ILE A 64 4.61 17.57 8.28
N ILE A 65 3.31 17.75 8.08
CA ILE A 65 2.30 17.11 8.90
C ILE A 65 2.36 15.58 8.75
N ILE A 66 2.52 15.11 7.52
CA ILE A 66 2.61 13.67 7.28
C ILE A 66 3.80 13.09 8.01
N ARG A 67 4.96 13.74 7.90
CA ARG A 67 6.16 13.23 8.55
C ARG A 67 6.07 13.24 10.07
N GLU A 68 5.46 14.28 10.64
CA GLU A 68 5.32 14.36 12.09
C GLU A 68 4.41 13.24 12.60
N LEU A 69 3.34 12.98 11.86
CA LEU A 69 2.43 11.89 12.21
C LEU A 69 3.12 10.53 12.03
N TRP A 70 3.94 10.42 10.98
CA TRP A 70 4.69 9.19 10.71
C TRP A 70 5.62 8.88 11.87
N ASP A 71 6.13 9.94 12.53
CA ASP A 71 7.10 9.77 13.60
C ASP A 71 6.48 9.45 14.97
N LEU A 72 5.16 9.56 15.10
CA LEU A 72 4.50 9.23 16.35
C LEU A 72 4.37 7.71 16.49
N PRO A 73 4.40 7.21 17.74
CA PRO A 73 4.50 5.76 17.97
C PRO A 73 3.26 4.97 17.59
N GLU A 74 2.08 5.49 17.90
CA GLU A 74 0.87 4.70 17.71
C GLU A 74 0.45 4.64 16.24
N ARG A 75 0.02 3.45 15.82
CA ARG A 75 -0.22 3.17 14.42
C ARG A 75 -1.35 4.03 13.84
N GLU A 76 -2.31 4.39 14.68
CA GLU A 76 -3.40 5.24 14.20
C GLU A 76 -2.90 6.54 13.62
N PHE A 77 -1.74 7.02 14.05
CA PHE A 77 -1.24 8.28 13.50
C PHE A 77 -0.74 8.13 12.05
N GLN A 78 -0.20 6.97 11.70
CA GLN A 78 0.15 6.74 10.31
C GLN A 78 -1.11 6.55 9.48
N ALA A 79 -2.12 5.88 10.04
CA ALA A 79 -3.37 5.73 9.31
C ALA A 79 -4.00 7.11 9.08
N ALA A 80 -3.95 7.98 10.09
CA ALA A 80 -4.47 9.33 9.94
C ALA A 80 -3.67 10.11 8.90
N ALA A 81 -2.35 9.92 8.89
CA ALA A 81 -1.50 10.59 7.94
C ALA A 81 -1.94 10.25 6.52
N LEU A 82 -2.29 9.00 6.28
CA LEU A 82 -2.72 8.60 4.95
C LEU A 82 -4.09 9.20 4.59
N ASP A 83 -4.99 9.29 5.58
CA ASP A 83 -6.26 9.98 5.36
C ASP A 83 -6.00 11.43 4.98
N ILE A 84 -5.04 12.04 5.66
CA ILE A 84 -4.71 13.44 5.40
C ILE A 84 -4.05 13.60 4.04
N MET A 85 -3.22 12.64 3.64
CA MET A 85 -2.61 12.74 2.33
CA MET A 85 -2.60 12.66 2.32
C MET A 85 -3.65 12.69 1.22
N GLN A 86 -4.71 11.89 1.42
CA GLN A 86 -5.81 11.84 0.44
C GLN A 86 -6.46 13.22 0.31
N LYS A 87 -6.55 13.95 1.42
CA LYS A 87 -7.10 15.31 1.40
C LYS A 87 -6.25 16.29 0.58
N TYR A 88 -4.95 16.02 0.46
CA TYR A 88 -4.06 16.87 -0.32
C TYR A 88 -3.76 16.28 -1.70
N LYS A 89 -4.51 15.25 -2.07
CA LYS A 89 -4.29 14.48 -3.30
C LYS A 89 -4.01 15.33 -4.54
N LYS A 90 -4.74 16.43 -4.69
CA LYS A 90 -4.64 17.24 -5.90
C LYS A 90 -3.34 18.04 -5.98
N HIS A 91 -2.54 17.97 -4.92
CA HIS A 91 -1.26 18.67 -4.88
C HIS A 91 -0.09 17.74 -5.16
N ILE A 92 -0.38 16.44 -5.23
CA ILE A 92 0.66 15.41 -5.37
C ILE A 92 0.97 15.14 -6.84
N ASN A 93 2.26 15.09 -7.17
CA ASN A 93 2.66 14.87 -8.55
C ASN A 93 3.93 14.03 -8.59
N GLU A 94 4.55 13.91 -9.76
CA GLU A 94 5.72 13.06 -9.91
C GLU A 94 6.89 13.48 -9.00
N THR A 95 6.91 14.75 -8.60
CA THR A 95 8.02 15.21 -7.77
C THR A 95 7.95 14.61 -6.36
N HIS A 96 6.81 14.02 -6.01
CA HIS A 96 6.63 13.42 -4.69
C HIS A 96 7.03 11.96 -4.63
N ILE A 97 7.56 11.40 -5.71
CA ILE A 97 7.90 9.98 -5.65
C ILE A 97 8.90 9.65 -4.52
N PRO A 98 10.01 10.42 -4.42
CA PRO A 98 10.93 10.09 -3.32
C PRO A 98 10.30 10.23 -1.92
N PHE A 99 9.44 11.23 -1.74
CA PHE A 99 8.71 11.42 -0.50
C PHE A 99 7.89 10.18 -0.17
N LEU A 100 7.20 9.64 -1.18
CA LEU A 100 6.39 8.44 -1.01
C LEU A 100 7.25 7.20 -0.77
N GLU A 101 8.39 7.12 -1.46
CA GLU A 101 9.34 6.04 -1.20
C GLU A 101 9.75 6.01 0.26
N GLU A 102 10.02 7.18 0.82
CA GLU A 102 10.49 7.25 2.20
C GLU A 102 9.40 6.81 3.15
N LEU A 103 8.15 7.16 2.84
CA LEU A 103 7.03 6.66 3.63
C LEU A 103 6.92 5.13 3.55
N ILE A 104 7.18 4.57 2.37
CA ILE A 104 7.11 3.13 2.21
C ILE A 104 8.11 2.40 3.11
N VAL A 105 9.33 2.94 3.22
CA VAL A 105 10.40 2.24 3.91
C VAL A 105 10.59 2.65 5.38
N THR A 106 9.66 3.45 5.90
CA THR A 106 9.67 3.79 7.32
C THR A 106 8.35 3.38 7.97
N LYS A 107 8.40 2.88 9.21
CA LYS A 107 7.21 2.31 9.86
C LYS A 107 6.50 1.34 8.90
N SER A 108 7.28 0.47 8.25
CA SER A 108 6.78 -0.37 7.15
C SER A 108 5.97 -1.57 7.61
N TRP A 109 4.80 -1.74 6.99
CA TRP A 109 4.03 -2.98 7.14
C TRP A 109 3.00 -2.98 6.02
N TRP A 110 2.24 -4.06 5.88
CA TRP A 110 1.34 -4.19 4.74
C TRP A 110 0.23 -3.15 4.77
N ASP A 111 -0.20 -2.73 5.95
CA ASP A 111 -1.28 -1.76 6.04
C ASP A 111 -0.90 -0.41 5.43
N SER A 112 0.26 0.12 5.79
CA SER A 112 0.68 1.40 5.25
C SER A 112 1.09 1.30 3.79
N VAL A 113 1.86 0.26 3.45
CA VAL A 113 2.38 0.12 2.10
C VAL A 113 1.24 -0.05 1.08
N ASP A 114 0.25 -0.86 1.41
CA ASP A 114 -0.88 -1.08 0.51
C ASP A 114 -1.72 0.20 0.34
N SER A 115 -1.69 1.08 1.34
CA SER A 115 -2.42 2.33 1.26
C SER A 115 -1.69 3.42 0.49
N ILE A 116 -0.39 3.23 0.27
CA ILE A 116 0.39 4.20 -0.47
C ILE A 116 0.51 3.83 -1.94
N VAL A 117 0.64 2.53 -2.21
CA VAL A 117 1.13 2.09 -3.52
C VAL A 117 0.12 2.11 -4.69
N PRO A 118 -0.95 1.30 -4.62
CA PRO A 118 -1.88 1.22 -5.76
C PRO A 118 -2.61 2.53 -6.01
N THR A 119 -2.70 3.37 -4.99
CA THR A 119 -3.44 4.61 -5.08
C THR A 119 -2.52 5.76 -5.49
N PHE A 120 -1.70 6.23 -4.57
CA PHE A 120 -0.88 7.41 -4.83
C PHE A 120 0.17 7.17 -5.90
N LEU A 121 0.97 6.12 -5.74
CA LEU A 121 2.00 5.83 -6.75
C LEU A 121 1.37 5.33 -8.04
N GLY A 122 0.30 4.53 -7.93
CA GLY A 122 -0.40 4.06 -9.12
C GLY A 122 -0.85 5.24 -9.97
N ASP A 123 -1.44 6.25 -9.34
CA ASP A 123 -1.92 7.40 -10.10
C ASP A 123 -0.78 8.16 -10.77
N ILE A 124 0.32 8.33 -10.04
CA ILE A 124 1.47 9.05 -10.57
C ILE A 124 2.03 8.37 -11.80
N PHE A 125 2.23 7.06 -11.72
CA PHE A 125 2.83 6.33 -12.84
C PHE A 125 1.88 6.14 -14.01
N LEU A 126 0.57 6.31 -13.77
CA LEU A 126 -0.39 6.26 -14.87
C LEU A 126 -0.26 7.54 -15.68
N LYS A 127 -0.02 8.65 -14.99
CA LYS A 127 0.16 9.95 -15.62
C LYS A 127 1.56 10.10 -16.21
N HIS A 128 2.54 9.42 -15.62
CA HIS A 128 3.95 9.54 -16.01
C HIS A 128 4.61 8.18 -16.17
N PRO A 129 4.16 7.40 -17.16
CA PRO A 129 4.69 6.04 -17.33
C PRO A 129 6.17 6.05 -17.65
N GLU A 130 6.67 7.16 -18.17
CA GLU A 130 8.07 7.25 -18.56
C GLU A 130 8.98 7.24 -17.34
N LEU A 131 8.41 7.46 -16.16
CA LEU A 131 9.21 7.49 -14.94
C LEU A 131 9.29 6.14 -14.24
N ILE A 132 8.52 5.17 -14.70
CA ILE A 132 8.53 3.84 -14.10
C ILE A 132 9.94 3.28 -14.06
N SER A 133 10.67 3.37 -15.17
CA SER A 133 12.01 2.78 -15.23
C SER A 133 13.08 3.55 -14.45
N ALA A 134 12.72 4.72 -13.93
CA ALA A 134 13.62 5.44 -13.03
C ALA A 134 13.52 4.93 -11.58
N TYR A 135 12.56 4.05 -11.31
CA TYR A 135 12.27 3.61 -9.94
C TYR A 135 12.13 2.11 -9.79
N ILE A 136 11.31 1.50 -10.64
CA ILE A 136 11.00 0.07 -10.50
C ILE A 136 12.24 -0.83 -10.46
N PRO A 137 13.21 -0.63 -11.38
CA PRO A 137 14.39 -1.51 -11.29
C PRO A 137 15.14 -1.38 -9.96
N LYS A 138 15.29 -0.17 -9.44
CA LYS A 138 15.94 0.04 -8.14
CA LYS A 138 15.93 0.04 -8.15
C LYS A 138 15.16 -0.65 -7.02
N TRP A 139 13.84 -0.54 -7.06
CA TRP A 139 13.01 -1.14 -6.02
C TRP A 139 13.20 -2.65 -5.98
N ILE A 140 13.21 -3.26 -7.17
CA ILE A 140 13.34 -4.70 -7.25
C ILE A 140 14.72 -5.13 -6.77
N ALA A 141 15.73 -4.32 -7.10
CA ALA A 141 17.12 -4.64 -6.77
C ALA A 141 17.42 -4.40 -5.29
N SER A 142 16.54 -3.68 -4.61
CA SER A 142 16.81 -3.26 -3.25
C SER A 142 16.68 -4.43 -2.28
N ASP A 143 17.17 -4.24 -1.07
CA ASP A 143 17.02 -5.27 -0.04
C ASP A 143 15.63 -5.23 0.60
N ASN A 144 14.79 -4.33 0.09
CA ASN A 144 13.59 -3.97 0.83
C ASN A 144 12.30 -4.60 0.31
N ILE A 145 11.69 -5.47 1.11
CA ILE A 145 10.54 -6.22 0.63
C ILE A 145 9.37 -5.29 0.31
N TRP A 146 9.33 -4.15 0.99
CA TRP A 146 8.22 -3.22 0.77
C TRP A 146 8.34 -2.44 -0.55
N LEU A 147 9.57 -2.10 -0.95
CA LEU A 147 9.78 -1.54 -2.29
C LEU A 147 9.51 -2.61 -3.36
N GLN A 148 9.86 -3.84 -3.08
CA GLN A 148 9.57 -4.92 -4.01
C GLN A 148 8.06 -5.11 -4.15
N ARG A 149 7.36 -5.09 -3.02
CA ARG A 149 5.91 -5.20 -3.06
C ARG A 149 5.31 -4.00 -3.82
N ALA A 150 5.91 -2.82 -3.65
CA ALA A 150 5.46 -1.63 -4.37
C ALA A 150 5.59 -1.82 -5.89
N ALA A 151 6.69 -2.41 -6.32
CA ALA A 151 6.89 -2.66 -7.73
C ALA A 151 5.80 -3.57 -8.29
N ILE A 152 5.40 -4.55 -7.49
CA ILE A 152 4.36 -5.50 -7.90
C ILE A 152 2.97 -4.85 -7.93
N LEU A 153 2.65 -4.07 -6.91
CA LEU A 153 1.27 -3.61 -6.72
C LEU A 153 0.92 -2.23 -7.29
N PHE A 154 1.89 -1.48 -7.79
CA PHE A 154 1.51 -0.14 -8.25
C PHE A 154 0.50 -0.16 -9.41
N GLN A 155 0.50 -1.24 -10.18
CA GLN A 155 -0.45 -1.38 -11.30
C GLN A 155 -1.74 -2.10 -10.92
N LEU A 156 -1.94 -2.36 -9.63
CA LEU A 156 -3.05 -3.20 -9.18
C LEU A 156 -4.41 -2.81 -9.74
N LYS A 157 -4.70 -1.52 -9.79
CA LYS A 157 -6.01 -1.04 -10.22
C LYS A 157 -6.07 -0.58 -11.67
N TYR A 158 -5.02 -0.89 -12.44
CA TYR A 158 -4.90 -0.37 -13.80
C TYR A 158 -5.93 -0.94 -14.79
N LYS A 159 -6.41 -2.14 -14.52
CA LYS A 159 -7.40 -2.78 -15.39
C LYS A 159 -6.92 -2.78 -16.84
N GLN A 160 -7.69 -2.18 -17.75
CA GLN A 160 -7.32 -2.20 -19.17
C GLN A 160 -6.05 -1.39 -19.47
N LYS A 161 -5.61 -0.59 -18.50
CA LYS A 161 -4.38 0.19 -18.68
C LYS A 161 -3.12 -0.57 -18.21
N MET A 162 -3.30 -1.79 -17.72
CA MET A 162 -2.17 -2.62 -17.30
C MET A 162 -1.12 -2.76 -18.41
N ASP A 163 0.15 -2.55 -18.06
CA ASP A 163 1.25 -2.90 -18.96
C ASP A 163 1.60 -4.36 -18.67
N GLU A 164 1.08 -5.25 -19.50
CA GLU A 164 1.25 -6.69 -19.29
C GLU A 164 2.71 -7.13 -19.34
N GLU A 165 3.44 -6.66 -20.35
CA GLU A 165 4.85 -7.02 -20.46
C GLU A 165 5.61 -6.61 -19.21
N LEU A 166 5.34 -5.42 -18.70
CA LEU A 166 5.99 -4.95 -17.48
C LEU A 166 5.59 -5.77 -16.26
N LEU A 167 4.29 -6.00 -16.10
CA LEU A 167 3.79 -6.79 -14.96
C LEU A 167 4.50 -8.13 -14.91
N PHE A 168 4.53 -8.83 -16.05
CA PHE A 168 5.11 -10.16 -16.03
C PHE A 168 6.61 -10.13 -15.85
N TRP A 169 7.25 -9.07 -16.35
CA TRP A 169 8.68 -8.93 -16.13
C TRP A 169 8.98 -8.75 -14.64
N ILE A 170 8.19 -7.90 -13.99
CA ILE A 170 8.37 -7.65 -12.56
C ILE A 170 8.17 -8.95 -11.76
N ILE A 171 7.11 -9.66 -12.09
CA ILE A 171 6.82 -10.94 -11.42
C ILE A 171 7.94 -11.96 -11.64
N GLY A 172 8.39 -12.06 -12.88
CA GLY A 172 9.53 -12.90 -13.18
C GLY A 172 10.74 -12.63 -12.32
N GLN A 173 11.01 -11.35 -12.05
CA GLN A 173 12.18 -11.00 -11.24
C GLN A 173 12.03 -11.43 -9.78
N LEU A 174 10.79 -11.56 -9.34
CA LEU A 174 10.53 -11.76 -7.92
C LEU A 174 9.92 -13.13 -7.58
N HIS A 175 9.73 -13.96 -8.60
CA HIS A 175 9.01 -15.22 -8.43
C HIS A 175 9.70 -16.23 -7.53
N SER A 176 11.01 -16.07 -7.33
CA SER A 176 11.76 -17.00 -6.48
C SER A 176 11.84 -16.55 -5.03
N SER A 177 11.31 -15.36 -4.73
CA SER A 177 11.34 -14.88 -3.36
C SER A 177 10.62 -15.82 -2.40
N LYS A 178 11.26 -16.06 -1.24
CA LYS A 178 10.65 -16.88 -0.19
C LYS A 178 9.81 -16.04 0.76
N GLU A 179 9.75 -14.73 0.51
CA GLU A 179 9.03 -13.82 1.40
C GLU A 179 7.52 -13.89 1.18
N PHE A 180 6.77 -14.16 2.26
CA PHE A 180 5.32 -14.19 2.15
C PHE A 180 4.74 -12.93 1.49
N PHE A 181 5.17 -11.74 1.93
CA PHE A 181 4.54 -10.53 1.41
C PHE A 181 4.82 -10.30 -0.07
N ILE A 182 5.88 -10.92 -0.59
CA ILE A 182 6.13 -10.88 -2.03
C ILE A 182 5.28 -11.93 -2.75
N GLN A 183 5.31 -13.17 -2.26
CA GLN A 183 4.51 -14.22 -2.87
C GLN A 183 3.03 -13.85 -2.92
N LYS A 184 2.52 -13.31 -1.82
CA LYS A 184 1.11 -12.95 -1.77
C LYS A 184 0.77 -11.76 -2.67
N ALA A 185 1.66 -10.79 -2.76
CA ALA A 185 1.40 -9.63 -3.63
C ALA A 185 1.33 -10.08 -5.11
N ILE A 186 2.20 -11.02 -5.47
CA ILE A 186 2.17 -11.57 -6.82
C ILE A 186 0.83 -12.25 -7.07
N GLY A 187 0.37 -13.03 -6.10
CA GLY A 187 -0.93 -13.69 -6.20
C GLY A 187 -2.05 -12.68 -6.36
N TRP A 188 -2.01 -11.63 -5.56
CA TRP A 188 -3.07 -10.63 -5.54
C TRP A 188 -3.15 -9.89 -6.87
N VAL A 189 -2.01 -9.42 -7.37
CA VAL A 189 -2.02 -8.64 -8.60
C VAL A 189 -2.48 -9.51 -9.79
N LEU A 190 -2.06 -10.77 -9.83
CA LEU A 190 -2.55 -11.68 -10.87
C LEU A 190 -4.05 -11.96 -10.75
N ARG A 191 -4.53 -12.18 -9.54
CA ARG A 191 -5.96 -12.46 -9.32
C ARG A 191 -6.76 -11.25 -9.77
N GLU A 192 -6.30 -10.07 -9.41
CA GLU A 192 -6.99 -8.84 -9.76
C GLU A 192 -6.98 -8.62 -11.26
N TYR A 193 -5.81 -8.77 -11.88
CA TYR A 193 -5.74 -8.53 -13.32
C TYR A 193 -6.55 -9.57 -14.11
N ALA A 194 -6.69 -10.77 -13.54
CA ALA A 194 -7.46 -11.81 -14.22
C ALA A 194 -8.92 -11.40 -14.36
N LYS A 195 -9.36 -10.43 -13.55
CA LYS A 195 -10.73 -9.92 -13.68
C LYS A 195 -10.91 -9.13 -14.98
N THR A 196 -9.80 -8.63 -15.51
CA THR A 196 -9.77 -7.89 -16.76
C THR A 196 -9.40 -8.79 -17.95
N ASN A 197 -8.36 -9.61 -17.77
CA ASN A 197 -7.88 -10.50 -18.84
C ASN A 197 -7.56 -11.88 -18.28
N PRO A 198 -8.58 -12.72 -18.11
CA PRO A 198 -8.36 -14.05 -17.52
C PRO A 198 -7.46 -14.95 -18.37
N ASP A 199 -7.61 -14.91 -19.69
CA ASP A 199 -6.82 -15.78 -20.57
C ASP A 199 -5.32 -15.55 -20.38
N VAL A 200 -4.92 -14.28 -20.29
CA VAL A 200 -3.50 -13.96 -20.20
C VAL A 200 -2.91 -14.42 -18.87
N VAL A 201 -3.69 -14.27 -17.80
CA VAL A 201 -3.23 -14.69 -16.48
C VAL A 201 -3.17 -16.21 -16.38
N TRP A 202 -4.19 -16.89 -16.90
CA TRP A 202 -4.17 -18.34 -16.93
C TRP A 202 -2.95 -18.88 -17.68
N GLU A 203 -2.70 -18.35 -18.87
CA GLU A 203 -1.55 -18.80 -19.66
C GLU A 203 -0.27 -18.55 -18.88
N TYR A 204 -0.19 -17.39 -18.22
CA TYR A 204 1.04 -17.07 -17.52
C TYR A 204 1.30 -18.08 -16.41
N VAL A 205 0.29 -18.34 -15.59
CA VAL A 205 0.46 -19.23 -14.45
C VAL A 205 0.71 -20.68 -14.83
N GLN A 206 0.23 -21.09 -16.00
CA GLN A 206 0.46 -22.46 -16.45
C GLN A 206 1.83 -22.64 -17.11
N ASN A 207 2.52 -21.54 -17.40
CA ASN A 207 3.73 -21.62 -18.20
C ASN A 207 4.97 -20.93 -17.62
N ASN A 208 4.84 -20.44 -16.40
CA ASN A 208 5.94 -19.75 -15.72
C ASN A 208 5.98 -20.14 -14.26
N GLU A 209 7.18 -20.28 -13.71
CA GLU A 209 7.33 -20.70 -12.31
C GLU A 209 6.81 -19.64 -11.35
N LEU A 210 6.06 -20.09 -10.35
CA LEU A 210 5.60 -19.23 -9.27
C LEU A 210 5.63 -20.02 -7.97
N ALA A 211 5.78 -19.33 -6.85
CA ALA A 211 5.60 -19.97 -5.56
C ALA A 211 4.18 -20.53 -5.50
N PRO A 212 4.01 -21.68 -4.83
CA PRO A 212 2.67 -22.28 -4.70
C PRO A 212 1.61 -21.28 -4.23
N LEU A 213 1.93 -20.46 -3.23
CA LEU A 213 0.98 -19.47 -2.72
C LEU A 213 0.56 -18.51 -3.82
N SER A 214 1.54 -18.05 -4.61
CA SER A 214 1.27 -17.10 -5.67
C SER A 214 0.31 -17.68 -6.70
N LYS A 215 0.57 -18.92 -7.11
CA LYS A 215 -0.29 -19.56 -8.12
C LYS A 215 -1.71 -19.78 -7.59
N ARG A 216 -1.81 -20.33 -6.39
CA ARG A 216 -3.07 -20.65 -5.73
C ARG A 216 -3.94 -19.38 -5.62
N GLU A 217 -3.33 -18.29 -5.15
CA GLU A 217 -4.05 -17.03 -5.02
C GLU A 217 -4.45 -16.42 -6.37
N ALA A 218 -3.56 -16.54 -7.37
CA ALA A 218 -3.85 -16.02 -8.70
C ALA A 218 -5.09 -16.64 -9.34
N ILE A 219 -5.28 -17.94 -9.16
CA ILE A 219 -6.37 -18.64 -9.84
C ILE A 219 -7.55 -18.95 -8.93
N LYS A 220 -7.59 -18.29 -7.78
CA LYS A 220 -8.65 -18.50 -6.80
C LYS A 220 -10.03 -18.45 -7.44
N HIS A 221 -10.24 -17.51 -8.35
CA HIS A 221 -11.51 -17.41 -9.06
C HIS A 221 -11.49 -18.04 -10.44
N ILE A 222 -10.47 -17.74 -11.23
CA ILE A 222 -10.48 -18.18 -12.64
C ILE A 222 -10.30 -19.69 -12.83
N LYS A 223 -9.96 -20.42 -11.77
CA LYS A 223 -9.96 -21.87 -11.88
C LYS A 223 -11.38 -22.37 -12.18
N GLN A 224 -12.39 -21.57 -11.85
CA GLN A 224 -13.77 -21.93 -12.18
C GLN A 224 -14.04 -21.76 -13.67
N ASN A 225 -13.35 -20.79 -14.29
CA ASN A 225 -13.50 -20.52 -15.72
C ASN A 225 -12.89 -21.63 -16.60
N TYR A 226 -11.81 -22.24 -16.10
CA TYR A 226 -11.02 -23.13 -16.94
C TYR A 226 -11.05 -24.59 -16.50
N GLY A 227 -11.39 -24.82 -15.23
CA GLY A 227 -11.47 -26.19 -14.74
C GLY A 227 -10.16 -26.62 -14.11
N ILE A 228 -10.25 -27.64 -13.26
CA ILE A 228 -9.09 -28.23 -12.60
C ILE A 228 -8.92 -29.64 -13.16
N ASN A 229 -7.92 -29.82 -14.02
CA ASN A 229 -7.70 -31.10 -14.68
C ASN A 229 -7.43 -32.23 -13.70
N ASN A 230 -7.97 -33.42 -13.99
CA ASN A 230 -7.61 -34.61 -13.23
C ASN A 230 -6.11 -34.85 -13.34
N GLU A 231 -5.48 -35.24 -12.23
CA GLU A 231 -4.02 -35.38 -12.21
C GLU A 231 -3.54 -36.84 -12.37
N LYS A 232 -4.39 -37.78 -11.98
CA LYS A 232 -4.03 -39.20 -11.96
C LYS A 232 -3.11 -39.51 -10.78
#